data_7QZV
#
_entry.id   7QZV
#
_cell.length_a   1.000
_cell.length_b   1.000
_cell.length_c   1.000
_cell.angle_alpha   90.00
_cell.angle_beta   90.00
_cell.angle_gamma   90.00
#
_symmetry.space_group_name_H-M   'P 1'
#
_entity_poly.entity_id   1
_entity_poly.type   'polypeptide(L)'
_entity_poly.pdbx_seq_one_letter_code
;EKRWRRLIFNYF(NH2)
;
_entity_poly.pdbx_strand_id   A
#
# COMPACT_ATOMS: atom_id res chain seq x y z
N GLU A 1 -7.85 -3.43 6.23
CA GLU A 1 -6.92 -3.11 5.16
C GLU A 1 -5.91 -2.05 5.62
N LYS A 2 -6.43 -0.92 6.10
CA LYS A 2 -5.58 0.17 6.57
C LYS A 2 -4.73 0.73 5.43
N ARG A 3 -5.36 0.93 4.28
CA ARG A 3 -4.66 1.46 3.11
C ARG A 3 -3.45 0.61 2.76
N TRP A 4 -3.51 -0.66 3.14
CA TRP A 4 -2.42 -1.60 2.86
C TRP A 4 -2.15 -1.70 1.36
N ARG A 5 -3.22 -1.68 0.58
CA ARG A 5 -3.11 -1.77 -0.88
C ARG A 5 -2.18 -0.68 -1.41
N ARG A 6 -2.25 0.49 -0.82
CA ARG A 6 -1.42 1.62 -1.24
C ARG A 6 0.05 1.37 -0.89
N LEU A 7 0.28 0.73 0.25
CA LEU A 7 1.63 0.43 0.70
C LEU A 7 2.31 -0.57 -0.23
N ILE A 8 1.52 -1.49 -0.77
CA ILE A 8 2.04 -2.50 -1.68
C ILE A 8 2.35 -1.90 -3.05
N PHE A 9 1.48 -1.00 -3.50
CA PHE A 9 1.65 -0.35 -4.79
C PHE A 9 2.84 0.60 -4.77
N ASN A 10 3.06 1.25 -3.63
CA ASN A 10 4.17 2.17 -3.47
C ASN A 10 5.49 1.43 -3.27
N TYR A 11 5.43 0.33 -2.53
CA TYR A 11 6.61 -0.47 -2.25
C TYR A 11 7.25 -0.96 -3.54
N PHE A 12 6.46 -1.66 -4.35
CA PHE A 12 6.95 -2.19 -5.63
C PHE A 12 7.43 -1.05 -6.54
N GLU A 1 -3.11 6.56 9.59
CA GLU A 1 -3.92 6.24 8.41
C GLU A 1 -3.82 4.75 8.07
N LYS A 2 -4.84 4.25 7.40
CA LYS A 2 -4.88 2.84 7.02
C LYS A 2 -4.82 2.70 5.49
N ARG A 3 -3.72 2.12 5.01
CA ARG A 3 -3.54 1.91 3.58
C ARG A 3 -2.64 0.70 3.31
N TRP A 4 -3.26 -0.46 3.16
CA TRP A 4 -2.51 -1.69 2.90
C TRP A 4 -2.24 -1.85 1.40
N ARG A 5 -3.26 -1.64 0.60
CA ARG A 5 -3.13 -1.77 -0.86
C ARG A 5 -2.20 -0.69 -1.41
N ARG A 6 -2.27 0.50 -0.81
CA ARG A 6 -1.43 1.62 -1.25
C ARG A 6 0.03 1.36 -0.91
N LEU A 7 0.27 0.73 0.24
CA LEU A 7 1.63 0.42 0.68
C LEU A 7 2.30 -0.58 -0.25
N ILE A 8 1.50 -1.50 -0.79
CA ILE A 8 2.02 -2.51 -1.70
C ILE A 8 2.33 -1.91 -3.08
N PHE A 9 1.47 -1.00 -3.53
CA PHE A 9 1.65 -0.35 -4.81
C PHE A 9 2.85 0.59 -4.79
N ASN A 10 3.07 1.23 -3.64
CA ASN A 10 4.18 2.16 -3.49
C ASN A 10 5.49 1.41 -3.28
N TYR A 11 5.44 0.33 -2.51
CA TYR A 11 6.62 -0.47 -2.23
C TYR A 11 7.27 -0.95 -3.53
N PHE A 12 6.49 -1.64 -4.35
CA PHE A 12 6.98 -2.14 -5.62
C PHE A 12 7.48 -1.00 -6.51
N GLU A 1 -3.71 6.59 8.50
CA GLU A 1 -3.17 6.31 7.18
C GLU A 1 -3.40 4.86 6.79
N LYS A 2 -4.55 4.32 7.20
CA LYS A 2 -4.91 2.94 6.89
C LYS A 2 -4.92 2.70 5.39
N ARG A 3 -3.83 2.16 4.86
CA ARG A 3 -3.72 1.88 3.44
C ARG A 3 -2.78 0.71 3.18
N TRP A 4 -3.33 -0.50 3.14
CA TRP A 4 -2.54 -1.70 2.91
C TRP A 4 -2.25 -1.89 1.43
N ARG A 5 -3.27 -1.62 0.59
CA ARG A 5 -3.12 -1.76 -0.85
C ARG A 5 -2.19 -0.68 -1.41
N ARG A 6 -2.25 0.51 -0.82
CA ARG A 6 -1.41 1.62 -1.26
C ARG A 6 0.05 1.37 -0.91
N LEU A 7 0.29 0.74 0.24
CA LEU A 7 1.64 0.43 0.69
C LEU A 7 2.30 -0.57 -0.24
N ILE A 8 1.52 -1.49 -0.78
CA ILE A 8 2.04 -2.50 -1.70
C ILE A 8 2.34 -1.91 -3.07
N PHE A 9 1.48 -1.00 -3.52
CA PHE A 9 1.66 -0.35 -4.82
C PHE A 9 2.85 0.59 -4.78
N ASN A 10 3.08 1.24 -3.64
CA ASN A 10 4.18 2.17 -3.49
C ASN A 10 5.50 1.43 -3.28
N TYR A 11 5.43 0.33 -2.52
CA TYR A 11 6.61 -0.46 -2.24
C TYR A 11 7.26 -0.96 -3.54
N PHE A 12 6.48 -1.65 -4.36
CA PHE A 12 6.98 -2.16 -5.62
C PHE A 12 7.45 -1.04 -6.53
N GLU A 1 -0.81 4.61 7.30
CA GLU A 1 -1.77 5.06 8.30
C GLU A 1 -3.05 4.24 8.21
N LYS A 2 -3.45 3.90 6.99
CA LYS A 2 -4.67 3.13 6.77
C LYS A 2 -4.83 2.77 5.29
N ARG A 3 -3.77 2.23 4.69
CA ARG A 3 -3.79 1.85 3.29
C ARG A 3 -2.84 0.69 3.02
N TRP A 4 -3.36 -0.53 3.14
CA TRP A 4 -2.55 -1.73 2.90
C TRP A 4 -2.27 -1.91 1.42
N ARG A 5 -3.27 -1.61 0.59
CA ARG A 5 -3.13 -1.75 -0.85
C ARG A 5 -2.19 -0.68 -1.42
N ARG A 6 -2.24 0.51 -0.82
CA ARG A 6 -1.40 1.62 -1.27
C ARG A 6 0.06 1.37 -0.91
N LEU A 7 0.29 0.74 0.24
CA LEU A 7 1.64 0.44 0.69
C LEU A 7 2.32 -0.57 -0.23
N ILE A 8 1.53 -1.49 -0.77
CA ILE A 8 2.06 -2.51 -1.68
C ILE A 8 2.36 -1.91 -3.05
N PHE A 9 1.49 -1.00 -3.50
CA PHE A 9 1.66 -0.36 -4.80
C PHE A 9 2.85 0.60 -4.78
N ASN A 10 3.07 1.25 -3.63
CA ASN A 10 4.17 2.19 -3.49
C ASN A 10 5.49 1.45 -3.26
N TYR A 11 5.43 0.34 -2.53
CA TYR A 11 6.62 -0.45 -2.25
C TYR A 11 7.26 -0.95 -3.55
N PHE A 12 6.47 -1.66 -4.36
CA PHE A 12 6.96 -2.19 -5.62
C PHE A 12 7.41 -1.07 -6.55
N GLU A 1 -0.25 2.65 10.26
CA GLU A 1 -0.65 2.95 8.89
C GLU A 1 -2.01 2.35 8.57
N LYS A 2 -2.75 3.00 7.68
CA LYS A 2 -4.07 2.54 7.29
C LYS A 2 -4.18 2.44 5.77
N ARG A 3 -3.17 1.86 5.15
CA ARG A 3 -3.17 1.71 3.69
C ARG A 3 -2.33 0.50 3.28
N TRP A 4 -2.98 -0.65 3.16
CA TRP A 4 -2.30 -1.89 2.77
C TRP A 4 -2.16 -1.97 1.26
N ARG A 5 -3.23 -1.62 0.55
CA ARG A 5 -3.23 -1.67 -0.90
C ARG A 5 -2.31 -0.60 -1.48
N ARG A 6 -2.28 0.56 -0.83
CA ARG A 6 -1.44 1.67 -1.28
C ARG A 6 0.02 1.42 -0.91
N LEU A 7 0.25 0.81 0.24
CA LEU A 7 1.60 0.52 0.70
C LEU A 7 2.28 -0.50 -0.22
N ILE A 8 1.49 -1.44 -0.74
CA ILE A 8 2.00 -2.47 -1.62
C ILE A 8 2.31 -1.90 -3.00
N PHE A 9 1.45 -1.01 -3.48
CA PHE A 9 1.64 -0.38 -4.78
C PHE A 9 2.84 0.56 -4.78
N ASN A 10 3.05 1.23 -3.65
CA ASN A 10 4.16 2.16 -3.52
C ASN A 10 5.47 1.42 -3.28
N TYR A 11 5.41 0.34 -2.50
CA TYR A 11 6.59 -0.46 -2.20
C TYR A 11 7.24 -0.97 -3.49
N PHE A 12 6.45 -1.67 -4.30
CA PHE A 12 6.95 -2.23 -5.55
C PHE A 12 7.43 -1.12 -6.49
N GLU A 1 -4.09 6.93 7.76
CA GLU A 1 -2.84 6.19 7.61
C GLU A 1 -3.11 4.78 7.09
N LYS A 2 -4.22 4.20 7.53
CA LYS A 2 -4.59 2.85 7.10
C LYS A 2 -4.55 2.73 5.58
N ARG A 3 -3.50 2.11 5.07
CA ARG A 3 -3.34 1.92 3.63
C ARG A 3 -2.49 0.69 3.33
N TRP A 4 -3.16 -0.45 3.16
CA TRP A 4 -2.48 -1.70 2.87
C TRP A 4 -2.22 -1.85 1.38
N ARG A 5 -3.26 -1.65 0.58
CA ARG A 5 -3.15 -1.76 -0.87
C ARG A 5 -2.22 -0.68 -1.42
N ARG A 6 -2.26 0.50 -0.82
CA ARG A 6 -1.42 1.62 -1.25
C ARG A 6 0.04 1.36 -0.91
N LEU A 7 0.27 0.73 0.24
CA LEU A 7 1.63 0.42 0.68
C LEU A 7 2.29 -0.59 -0.25
N ILE A 8 1.50 -1.50 -0.79
CA ILE A 8 2.01 -2.52 -1.70
C ILE A 8 2.33 -1.91 -3.08
N PHE A 9 1.46 -1.00 -3.51
CA PHE A 9 1.65 -0.35 -4.81
C PHE A 9 2.84 0.59 -4.79
N ASN A 10 3.05 1.23 -3.64
CA ASN A 10 4.18 2.16 -3.49
C ASN A 10 5.48 1.41 -3.28
N TYR A 11 5.42 0.34 -2.50
CA TYR A 11 6.60 -0.47 -2.22
C TYR A 11 7.25 -0.95 -3.51
N PHE A 12 6.48 -1.64 -4.34
CA PHE A 12 6.98 -2.15 -5.60
C PHE A 12 7.46 -1.01 -6.50
N GLU A 1 -2.25 6.33 10.07
CA GLU A 1 -2.46 6.11 8.64
C GLU A 1 -2.83 4.66 8.36
N LYS A 2 -3.77 4.47 7.44
CA LYS A 2 -4.22 3.13 7.08
C LYS A 2 -4.26 2.97 5.56
N ARG A 3 -3.36 2.14 5.03
CA ARG A 3 -3.29 1.89 3.60
C ARG A 3 -2.48 0.64 3.30
N TRP A 4 -3.17 -0.48 3.13
CA TRP A 4 -2.50 -1.75 2.84
C TRP A 4 -2.23 -1.89 1.34
N ARG A 5 -3.28 -1.70 0.54
CA ARG A 5 -3.15 -1.80 -0.91
C ARG A 5 -2.25 -0.71 -1.46
N ARG A 6 -2.29 0.46 -0.84
CA ARG A 6 -1.48 1.60 -1.27
C ARG A 6 -0.02 1.38 -0.90
N LEU A 7 0.21 0.76 0.26
CA LEU A 7 1.56 0.49 0.73
C LEU A 7 2.28 -0.50 -0.19
N ILE A 8 1.52 -1.44 -0.73
CA ILE A 8 2.08 -2.45 -1.62
C ILE A 8 2.38 -1.86 -2.99
N PHE A 9 1.52 -0.98 -3.46
CA PHE A 9 1.69 -0.33 -4.75
C PHE A 9 2.89 0.61 -4.73
N ASN A 10 3.10 1.26 -3.60
CA ASN A 10 4.22 2.20 -3.44
C ASN A 10 5.54 1.45 -3.26
N TYR A 11 5.48 0.34 -2.54
CA TYR A 11 6.67 -0.48 -2.30
C TYR A 11 7.26 -0.99 -3.60
N PHE A 12 6.44 -1.69 -4.38
CA PHE A 12 6.89 -2.24 -5.66
C PHE A 12 7.36 -1.13 -6.59
N GLU A 1 -3.80 7.11 9.25
CA GLU A 1 -4.46 6.83 7.97
C GLU A 1 -4.47 5.34 7.68
N LYS A 2 -5.43 4.91 6.86
CA LYS A 2 -5.55 3.50 6.50
C LYS A 2 -5.27 3.29 5.02
N ARG A 3 -4.15 2.65 4.71
CA ARG A 3 -3.77 2.39 3.33
C ARG A 3 -2.91 1.13 3.23
N TRP A 4 -3.55 -0.02 3.06
CA TRP A 4 -2.85 -1.29 2.95
C TRP A 4 -2.39 -1.54 1.52
N ARG A 5 -3.36 -1.60 0.61
CA ARG A 5 -3.05 -1.84 -0.81
C ARG A 5 -2.06 -0.80 -1.33
N ARG A 6 -2.16 0.42 -0.82
CA ARG A 6 -1.27 1.51 -1.23
C ARG A 6 0.18 1.19 -0.87
N LEU A 7 0.37 0.51 0.26
CA LEU A 7 1.71 0.15 0.72
C LEU A 7 2.37 -0.81 -0.26
N ILE A 8 1.58 -1.72 -0.82
CA ILE A 8 2.10 -2.69 -1.79
C ILE A 8 2.36 -2.05 -3.14
N PHE A 9 1.49 -1.09 -3.51
CA PHE A 9 1.63 -0.40 -4.78
C PHE A 9 2.79 0.59 -4.74
N ASN A 10 3.00 1.20 -3.58
CA ASN A 10 4.07 2.17 -3.39
C ASN A 10 5.42 1.47 -3.21
N TYR A 11 5.39 0.33 -2.53
CA TYR A 11 6.61 -0.44 -2.29
C TYR A 11 7.28 -0.84 -3.59
N PHE A 12 6.53 -1.52 -4.45
CA PHE A 12 7.04 -1.96 -5.74
C PHE A 12 7.50 -0.77 -6.57
N GLU A 1 -6.35 7.24 9.42
CA GLU A 1 -6.03 6.92 8.03
C GLU A 1 -5.67 5.44 7.88
N LYS A 2 -5.99 4.87 6.72
CA LYS A 2 -5.70 3.47 6.45
C LYS A 2 -5.41 3.26 4.96
N ARG A 3 -4.27 2.63 4.67
CA ARG A 3 -3.88 2.37 3.29
C ARG A 3 -2.99 1.14 3.22
N TRP A 4 -3.60 -0.03 3.04
CA TRP A 4 -2.86 -1.28 2.96
C TRP A 4 -2.40 -1.54 1.53
N ARG A 5 -3.35 -1.60 0.60
CA ARG A 5 -3.04 -1.84 -0.80
C ARG A 5 -2.05 -0.80 -1.32
N ARG A 6 -2.15 0.42 -0.81
CA ARG A 6 -1.26 1.50 -1.22
C ARG A 6 0.19 1.18 -0.87
N LEU A 7 0.38 0.51 0.26
CA LEU A 7 1.72 0.15 0.71
C LEU A 7 2.38 -0.82 -0.27
N ILE A 8 1.59 -1.72 -0.83
CA ILE A 8 2.10 -2.69 -1.79
C ILE A 8 2.36 -2.04 -3.15
N PHE A 9 1.49 -1.09 -3.51
CA PHE A 9 1.62 -0.40 -4.78
C PHE A 9 2.78 0.59 -4.74
N ASN A 10 3.00 1.20 -3.58
CA ASN A 10 4.07 2.17 -3.41
C ASN A 10 5.41 1.48 -3.22
N TYR A 11 5.39 0.33 -2.53
CA TYR A 11 6.61 -0.43 -2.28
C TYR A 11 7.28 -0.84 -3.59
N PHE A 12 6.52 -1.52 -4.45
CA PHE A 12 7.04 -1.96 -5.74
C PHE A 12 7.51 -0.78 -6.58
N GLU A 1 -7.63 -3.33 6.62
CA GLU A 1 -7.46 -2.57 5.38
C GLU A 1 -6.89 -1.18 5.68
N LYS A 2 -5.78 -1.15 6.40
CA LYS A 2 -5.13 0.11 6.75
C LYS A 2 -4.32 0.65 5.57
N ARG A 3 -5.00 0.89 4.46
CA ARG A 3 -4.34 1.41 3.27
C ARG A 3 -3.21 0.50 2.83
N TRP A 4 -3.31 -0.77 3.20
CA TRP A 4 -2.28 -1.75 2.84
C TRP A 4 -2.06 -1.80 1.34
N ARG A 5 -3.15 -1.71 0.59
CA ARG A 5 -3.08 -1.73 -0.88
C ARG A 5 -2.13 -0.66 -1.39
N ARG A 6 -2.30 0.55 -0.90
CA ARG A 6 -1.45 1.67 -1.31
C ARG A 6 0.01 1.41 -0.94
N LEU A 7 0.23 0.80 0.21
CA LEU A 7 1.57 0.50 0.68
C LEU A 7 2.25 -0.52 -0.24
N ILE A 8 1.46 -1.44 -0.79
CA ILE A 8 1.99 -2.45 -1.68
C ILE A 8 2.31 -1.87 -3.06
N PHE A 9 1.47 -0.96 -3.51
CA PHE A 9 1.67 -0.32 -4.82
C PHE A 9 2.87 0.62 -4.77
N ASN A 10 3.07 1.27 -3.63
CA ASN A 10 4.18 2.19 -3.47
C ASN A 10 5.49 1.44 -3.24
N TYR A 11 5.40 0.33 -2.51
CA TYR A 11 6.58 -0.48 -2.22
C TYR A 11 7.22 -1.01 -3.50
N PHE A 12 6.42 -1.71 -4.31
CA PHE A 12 6.90 -2.26 -5.56
C PHE A 12 7.40 -1.15 -6.49
N GLU A 1 -5.80 -4.24 4.95
CA GLU A 1 -6.52 -3.02 5.28
C GLU A 1 -5.56 -1.93 5.74
N LYS A 2 -6.11 -0.80 6.18
CA LYS A 2 -5.30 0.32 6.65
C LYS A 2 -4.40 0.83 5.54
N ARG A 3 -4.98 1.03 4.36
CA ARG A 3 -4.23 1.52 3.21
C ARG A 3 -3.13 0.54 2.81
N TRP A 4 -3.34 -0.74 3.14
CA TRP A 4 -2.36 -1.78 2.82
C TRP A 4 -2.10 -1.83 1.32
N ARG A 5 -3.17 -1.71 0.54
CA ARG A 5 -3.06 -1.77 -0.92
C ARG A 5 -2.12 -0.67 -1.42
N ARG A 6 -2.27 0.53 -0.87
CA ARG A 6 -1.43 1.66 -1.27
C ARG A 6 0.02 1.42 -0.92
N LEU A 7 0.25 0.82 0.25
CA LEU A 7 1.61 0.52 0.70
C LEU A 7 2.28 -0.50 -0.21
N ILE A 8 1.49 -1.43 -0.74
CA ILE A 8 2.01 -2.45 -1.63
C ILE A 8 2.32 -1.87 -3.01
N PHE A 9 1.47 -0.96 -3.48
CA PHE A 9 1.65 -0.34 -4.78
C PHE A 9 2.85 0.61 -4.76
N ASN A 10 3.06 1.27 -3.63
CA ASN A 10 4.18 2.20 -3.48
C ASN A 10 5.49 1.44 -3.26
N TYR A 11 5.42 0.34 -2.53
CA TYR A 11 6.59 -0.47 -2.24
C TYR A 11 7.22 -1.01 -3.53
N PHE A 12 6.42 -1.71 -4.33
CA PHE A 12 6.89 -2.26 -5.59
C PHE A 12 7.39 -1.16 -6.52
N GLU A 1 -8.56 1.01 7.39
CA GLU A 1 -9.62 0.06 7.05
C GLU A 1 -9.29 -0.69 5.76
N LYS A 2 -8.76 0.03 4.78
CA LYS A 2 -8.39 -0.57 3.51
C LYS A 2 -7.33 0.27 2.81
N ARG A 3 -6.31 0.68 3.56
CA ARG A 3 -5.23 1.50 3.01
C ARG A 3 -3.93 0.71 3.00
N TRP A 4 -4.03 -0.62 2.96
CA TRP A 4 -2.85 -1.47 2.95
C TRP A 4 -2.32 -1.65 1.52
N ARG A 5 -3.23 -1.75 0.56
CA ARG A 5 -2.85 -1.92 -0.83
C ARG A 5 -1.91 -0.81 -1.28
N ARG A 6 -2.19 0.41 -0.82
CA ARG A 6 -1.36 1.56 -1.17
C ARG A 6 0.10 1.29 -0.86
N LEU A 7 0.36 0.74 0.32
CA LEU A 7 1.73 0.44 0.74
C LEU A 7 2.38 -0.54 -0.22
N ILE A 8 1.58 -1.47 -0.75
CA ILE A 8 2.09 -2.47 -1.68
C ILE A 8 2.37 -1.86 -3.05
N PHE A 9 1.50 -0.95 -3.47
CA PHE A 9 1.66 -0.30 -4.77
C PHE A 9 2.85 0.65 -4.76
N ASN A 10 3.09 1.27 -3.61
CA ASN A 10 4.21 2.21 -3.47
C ASN A 10 5.52 1.46 -3.30
N TYR A 11 5.47 0.33 -2.58
CA TYR A 11 6.65 -0.47 -2.34
C TYR A 11 7.25 -0.98 -3.65
N PHE A 12 6.43 -1.67 -4.43
CA PHE A 12 6.88 -2.20 -5.72
C PHE A 12 7.35 -1.09 -6.64
N GLU A 1 -9.15 -3.80 5.30
CA GLU A 1 -8.26 -3.00 4.49
C GLU A 1 -7.84 -1.72 5.24
N LYS A 2 -6.56 -1.63 5.58
CA LYS A 2 -6.05 -0.47 6.29
C LYS A 2 -4.98 0.25 5.47
N ARG A 3 -5.38 0.72 4.29
CA ARG A 3 -4.46 1.43 3.40
C ARG A 3 -3.26 0.55 3.05
N TRP A 4 -3.45 -0.76 3.12
CA TRP A 4 -2.38 -1.70 2.82
C TRP A 4 -2.09 -1.74 1.32
N ARG A 5 -3.15 -1.73 0.52
CA ARG A 5 -3.02 -1.77 -0.92
C ARG A 5 -2.08 -0.66 -1.41
N ARG A 6 -2.25 0.53 -0.86
CA ARG A 6 -1.43 1.67 -1.24
C ARG A 6 0.03 1.42 -0.89
N LEU A 7 0.27 0.80 0.26
CA LEU A 7 1.62 0.50 0.71
C LEU A 7 2.29 -0.51 -0.21
N ILE A 8 1.49 -1.44 -0.74
CA ILE A 8 2.01 -2.46 -1.64
C ILE A 8 2.32 -1.88 -3.02
N PHE A 9 1.46 -0.98 -3.47
CA PHE A 9 1.64 -0.34 -4.78
C PHE A 9 2.84 0.60 -4.76
N ASN A 10 3.06 1.25 -3.63
CA ASN A 10 4.18 2.18 -3.49
C ASN A 10 5.49 1.43 -3.28
N TYR A 11 5.42 0.33 -2.53
CA TYR A 11 6.59 -0.47 -2.24
C TYR A 11 7.22 -0.99 -3.54
N PHE A 12 6.42 -1.69 -4.34
CA PHE A 12 6.90 -2.25 -5.60
C PHE A 12 7.38 -1.13 -6.53
N GLU A 1 -8.08 -0.36 9.39
CA GLU A 1 -7.79 0.46 8.21
C GLU A 1 -7.55 -0.42 6.98
N LYS A 2 -7.84 0.12 5.81
CA LYS A 2 -7.64 -0.61 4.56
C LYS A 2 -6.73 0.15 3.61
N ARG A 3 -5.63 0.67 4.16
CA ARG A 3 -4.67 1.42 3.36
C ARG A 3 -3.42 0.58 3.10
N TRP A 4 -3.58 -0.74 3.12
CA TRP A 4 -2.47 -1.64 2.88
C TRP A 4 -2.15 -1.74 1.39
N ARG A 5 -3.19 -1.72 0.57
CA ARG A 5 -3.03 -1.81 -0.88
C ARG A 5 -2.09 -0.72 -1.38
N ARG A 6 -2.26 0.49 -0.87
CA ARG A 6 -1.41 1.62 -1.26
C ARG A 6 0.05 1.35 -0.92
N LEU A 7 0.29 0.79 0.26
CA LEU A 7 1.64 0.49 0.71
C LEU A 7 2.31 -0.51 -0.22
N ILE A 8 1.51 -1.43 -0.75
CA ILE A 8 2.03 -2.45 -1.67
C ILE A 8 2.33 -1.86 -3.04
N PHE A 9 1.48 -0.95 -3.49
CA PHE A 9 1.66 -0.30 -4.79
C PHE A 9 2.86 0.63 -4.76
N ASN A 10 3.08 1.27 -3.62
CA ASN A 10 4.20 2.20 -3.47
C ASN A 10 5.50 1.45 -3.26
N TYR A 11 5.43 0.34 -2.54
CA TYR A 11 6.61 -0.49 -2.27
C TYR A 11 7.23 -1.01 -3.56
N PHE A 12 6.43 -1.69 -4.36
CA PHE A 12 6.89 -2.24 -5.63
C PHE A 12 7.38 -1.14 -6.55
N GLU A 1 -10.07 -0.65 4.06
CA GLU A 1 -8.66 -1.04 4.02
C GLU A 1 -7.82 -0.16 4.95
N LYS A 2 -6.69 -0.70 5.39
CA LYS A 2 -5.79 0.04 6.29
C LYS A 2 -4.58 0.55 5.53
N ARG A 3 -4.81 1.16 4.38
CA ARG A 3 -3.73 1.71 3.57
C ARG A 3 -2.74 0.61 3.19
N TRP A 4 -3.22 -0.64 3.16
CA TRP A 4 -2.37 -1.77 2.81
C TRP A 4 -2.10 -1.82 1.31
N ARG A 5 -3.17 -1.71 0.53
CA ARG A 5 -3.05 -1.74 -0.93
C ARG A 5 -2.12 -0.64 -1.42
N ARG A 6 -2.27 0.56 -0.85
CA ARG A 6 -1.45 1.69 -1.23
C ARG A 6 0.01 1.45 -0.88
N LEU A 7 0.25 0.78 0.24
CA LEU A 7 1.60 0.48 0.69
C LEU A 7 2.27 -0.54 -0.24
N ILE A 8 1.47 -1.47 -0.76
CA ILE A 8 1.99 -2.48 -1.66
C ILE A 8 2.30 -1.90 -3.04
N PHE A 9 1.44 -1.00 -3.49
CA PHE A 9 1.62 -0.36 -4.80
C PHE A 9 2.83 0.58 -4.78
N ASN A 10 3.04 1.23 -3.65
CA ASN A 10 4.16 2.15 -3.50
C ASN A 10 5.47 1.40 -3.29
N TYR A 11 5.41 0.33 -2.50
CA TYR A 11 6.58 -0.48 -2.21
C TYR A 11 7.23 -0.98 -3.50
N PHE A 12 6.44 -1.67 -4.32
CA PHE A 12 6.94 -2.20 -5.57
C PHE A 12 7.43 -1.09 -6.49
N GLU A 1 -7.89 -2.92 6.02
CA GLU A 1 -8.09 -1.70 5.25
C GLU A 1 -7.22 -0.57 5.78
N LYS A 2 -6.00 -0.90 6.16
CA LYS A 2 -5.06 0.08 6.69
C LYS A 2 -4.18 0.64 5.58
N ARG A 3 -4.78 0.96 4.45
CA ARG A 3 -4.06 1.51 3.31
C ARG A 3 -2.99 0.53 2.83
N TRP A 4 -3.22 -0.75 3.09
CA TRP A 4 -2.27 -1.79 2.69
C TRP A 4 -2.05 -1.77 1.18
N ARG A 5 -3.15 -1.77 0.44
CA ARG A 5 -3.08 -1.75 -1.02
C ARG A 5 -2.19 -0.62 -1.51
N ARG A 6 -2.25 0.52 -0.82
CA ARG A 6 -1.45 1.67 -1.19
C ARG A 6 0.02 1.45 -0.85
N LEU A 7 0.27 0.82 0.30
CA LEU A 7 1.63 0.54 0.74
C LEU A 7 2.30 -0.48 -0.17
N ILE A 8 1.51 -1.41 -0.69
CA ILE A 8 2.03 -2.45 -1.58
C ILE A 8 2.33 -1.87 -2.97
N PHE A 9 1.45 -0.99 -3.43
CA PHE A 9 1.62 -0.36 -4.74
C PHE A 9 2.81 0.59 -4.75
N ASN A 10 3.04 1.25 -3.62
CA ASN A 10 4.15 2.19 -3.50
C ASN A 10 5.47 1.44 -3.27
N TYR A 11 5.41 0.35 -2.53
CA TYR A 11 6.59 -0.45 -2.24
C TYR A 11 7.20 -0.99 -3.53
N PHE A 12 6.39 -1.71 -4.30
CA PHE A 12 6.86 -2.30 -5.55
C PHE A 12 7.30 -1.20 -6.53
N GLU A 1 -7.37 -1.17 9.72
CA GLU A 1 -7.03 -0.25 8.64
C GLU A 1 -7.05 -0.96 7.29
N LYS A 2 -7.36 -0.22 6.24
CA LYS A 2 -7.41 -0.78 4.89
C LYS A 2 -6.58 0.07 3.93
N ARG A 3 -5.39 0.44 4.36
CA ARG A 3 -4.49 1.24 3.53
C ARG A 3 -3.25 0.45 3.13
N TRP A 4 -3.39 -0.87 3.11
CA TRP A 4 -2.28 -1.75 2.75
C TRP A 4 -2.05 -1.75 1.24
N ARG A 5 -3.14 -1.73 0.48
CA ARG A 5 -3.05 -1.73 -0.97
C ARG A 5 -2.14 -0.61 -1.46
N ARG A 6 -2.24 0.56 -0.84
CA ARG A 6 -1.43 1.70 -1.21
C ARG A 6 0.03 1.47 -0.87
N LEU A 7 0.27 0.82 0.27
CA LEU A 7 1.63 0.53 0.71
C LEU A 7 2.30 -0.50 -0.20
N ILE A 8 1.50 -1.42 -0.71
CA ILE A 8 2.00 -2.47 -1.60
C ILE A 8 2.30 -1.89 -2.98
N PHE A 9 1.45 -1.00 -3.45
CA PHE A 9 1.61 -0.38 -4.76
C PHE A 9 2.81 0.56 -4.76
N ASN A 10 3.03 1.24 -3.64
CA ASN A 10 4.15 2.16 -3.51
C ASN A 10 5.46 1.42 -3.29
N TYR A 11 5.40 0.33 -2.52
CA TYR A 11 6.59 -0.46 -2.23
C TYR A 11 7.21 -0.99 -3.52
N PHE A 12 6.42 -1.69 -4.31
CA PHE A 12 6.90 -2.25 -5.57
C PHE A 12 7.37 -1.15 -6.51
N GLU A 1 -11.73 -0.39 6.66
CA GLU A 1 -10.69 0.41 6.00
C GLU A 1 -9.37 -0.35 5.95
N LYS A 2 -8.67 -0.23 4.82
CA LYS A 2 -7.38 -0.90 4.64
C LYS A 2 -6.48 -0.10 3.71
N ARG A 3 -5.44 0.51 4.29
CA ARG A 3 -4.50 1.31 3.51
C ARG A 3 -3.27 0.49 3.14
N TRP A 4 -3.44 -0.83 3.09
CA TRP A 4 -2.34 -1.73 2.76
C TRP A 4 -2.09 -1.75 1.25
N ARG A 5 -3.17 -1.74 0.49
CA ARG A 5 -3.08 -1.77 -0.97
C ARG A 5 -2.16 -0.66 -1.47
N ARG A 6 -2.24 0.50 -0.83
CA ARG A 6 -1.42 1.64 -1.21
C ARG A 6 0.05 1.40 -0.88
N LEU A 7 0.29 0.84 0.30
CA LEU A 7 1.65 0.55 0.73
C LEU A 7 2.33 -0.47 -0.18
N ILE A 8 1.52 -1.40 -0.69
CA ILE A 8 2.03 -2.43 -1.58
C ILE A 8 2.33 -1.86 -2.97
N PHE A 9 1.46 -0.96 -3.43
CA PHE A 9 1.62 -0.35 -4.74
C PHE A 9 2.83 0.59 -4.75
N ASN A 10 3.06 1.26 -3.62
CA ASN A 10 4.17 2.19 -3.50
C ASN A 10 5.48 1.45 -3.29
N TYR A 11 5.42 0.35 -2.54
CA TYR A 11 6.61 -0.46 -2.27
C TYR A 11 7.21 -1.00 -3.56
N PHE A 12 6.40 -1.71 -4.33
CA PHE A 12 6.86 -2.28 -5.59
C PHE A 12 7.35 -1.19 -6.54
N GLU A 1 -8.08 4.27 7.20
CA GLU A 1 -7.43 2.98 7.37
C GLU A 1 -7.49 2.17 6.08
N LYS A 2 -7.10 0.90 6.17
CA LYS A 2 -7.10 0.02 5.00
C LYS A 2 -6.19 0.57 3.90
N ARG A 3 -5.00 1.02 4.29
CA ARG A 3 -4.05 1.55 3.34
C ARG A 3 -2.98 0.52 2.99
N TRP A 4 -3.33 -0.75 3.12
CA TRP A 4 -2.40 -1.84 2.82
C TRP A 4 -2.11 -1.90 1.32
N ARG A 5 -3.15 -1.70 0.51
CA ARG A 5 -3.01 -1.74 -0.94
C ARG A 5 -2.08 -0.62 -1.42
N ARG A 6 -2.26 0.57 -0.86
CA ARG A 6 -1.45 1.72 -1.23
C ARG A 6 0.02 1.48 -0.89
N LEU A 7 0.25 0.83 0.25
CA LEU A 7 1.61 0.54 0.71
C LEU A 7 2.28 -0.48 -0.20
N ILE A 8 1.49 -1.41 -0.72
CA ILE A 8 2.01 -2.45 -1.61
C ILE A 8 2.32 -1.88 -2.99
N PHE A 9 1.45 -0.98 -3.46
CA PHE A 9 1.63 -0.36 -4.77
C PHE A 9 2.83 0.58 -4.77
N ASN A 10 3.05 1.24 -3.64
CA ASN A 10 4.17 2.18 -3.51
C ASN A 10 5.47 1.43 -3.28
N TYR A 11 5.40 0.33 -2.54
CA TYR A 11 6.59 -0.48 -2.25
C TYR A 11 7.22 -1.00 -3.54
N PHE A 12 6.43 -1.71 -4.33
CA PHE A 12 6.90 -2.26 -5.60
C PHE A 12 7.41 -1.16 -6.51
N GLU A 1 -9.56 4.00 6.18
CA GLU A 1 -8.77 2.83 6.55
C GLU A 1 -8.51 1.95 5.33
N LYS A 2 -7.98 0.75 5.58
CA LYS A 2 -7.68 -0.19 4.51
C LYS A 2 -6.69 0.43 3.51
N ARG A 3 -5.63 1.03 4.03
CA ARG A 3 -4.62 1.65 3.18
C ARG A 3 -3.43 0.72 2.98
N TRP A 4 -3.68 -0.59 3.10
CA TRP A 4 -2.63 -1.59 2.93
C TRP A 4 -2.23 -1.72 1.47
N ARG A 5 -3.23 -1.73 0.59
CA ARG A 5 -2.98 -1.85 -0.85
C ARG A 5 -2.01 -0.76 -1.32
N ARG A 6 -2.23 0.47 -0.86
CA ARG A 6 -1.38 1.59 -1.24
C ARG A 6 0.08 1.29 -0.92
N LEU A 7 0.33 0.78 0.28
CA LEU A 7 1.69 0.45 0.71
C LEU A 7 2.33 -0.55 -0.24
N ILE A 8 1.51 -1.46 -0.77
CA ILE A 8 2.01 -2.47 -1.70
C ILE A 8 2.30 -1.87 -3.07
N PHE A 9 1.45 -0.95 -3.50
CA PHE A 9 1.62 -0.30 -4.80
C PHE A 9 2.84 0.62 -4.79
N ASN A 10 3.08 1.26 -3.64
CA ASN A 10 4.21 2.17 -3.49
C ASN A 10 5.51 1.40 -3.30
N TYR A 11 5.44 0.32 -2.53
CA TYR A 11 6.62 -0.50 -2.26
C TYR A 11 7.25 -0.98 -3.57
N PHE A 12 6.46 -1.65 -4.39
CA PHE A 12 6.94 -2.16 -5.67
C PHE A 12 7.46 -1.03 -6.55
#